data_4A5R
#
_entry.id   4A5R
#
_cell.length_a   46.955
_cell.length_b   103.550
_cell.length_c   63.732
_cell.angle_alpha   90.00
_cell.angle_beta   94.77
_cell.angle_gamma   90.00
#
_symmetry.space_group_name_H-M   'P 1 21 1'
#
loop_
_entity.id
_entity.type
_entity.pdbx_description
1 polymer BETA-LACTAMASE
2 non-polymer 'TAZOBACTAM INTERMEDIATE'
3 non-polymer 'CITRIC ACID'
4 non-polymer 'TRIETHYLENE GLYCOL'
5 non-polymer 'CARBON DIOXIDE'
6 water water
#
_entity_poly.entity_id   1
_entity_poly.type   'polypeptide(L)'
_entity_poly.pdbx_seq_one_letter_code
;KTEMKDDFAKLEEQFDAKLGIFALDTGTNRTVTYRPDERFAFASTIKALTVGVLLQQKSIEDLNQRITYTRDDLVNYNPI
TEKHVDTGMTLKELADASLRYSDNTAQNLILKQIGGPESLKKELRKIGDEVTNPERFEPELNEVNPGETQDTSTARALAT
SLQAFALEDKLPSEKRELLIDWMKRNTTGDALIRAGVPEGWEVADKTGAGSYGTRNDIAIIWPPKGDPVVLAVLSSRDKK
DAKYDDKLIAEATKVVVKALNMNGK
;
_entity_poly.pdbx_strand_id   A,B
#
# COMPACT_ATOMS: atom_id res chain seq x y z
N LYS A 5 -7.10 -14.63 -14.87
CA LYS A 5 -6.69 -15.79 -14.02
C LYS A 5 -6.41 -17.09 -14.80
N ASP A 6 -6.71 -17.12 -16.10
CA ASP A 6 -6.48 -18.33 -16.90
C ASP A 6 -5.01 -18.61 -17.25
N ASP A 7 -4.19 -17.57 -17.39
CA ASP A 7 -2.75 -17.77 -17.63
C ASP A 7 -2.08 -18.49 -16.45
N PHE A 8 -2.46 -18.16 -15.23
CA PHE A 8 -1.93 -18.83 -14.04
C PHE A 8 -2.40 -20.29 -13.92
N ALA A 9 -3.67 -20.54 -14.23
CA ALA A 9 -4.23 -21.91 -14.29
C ALA A 9 -3.49 -22.80 -15.28
N LYS A 10 -3.18 -22.28 -16.46
CA LYS A 10 -2.40 -23.02 -17.44
C LYS A 10 -0.99 -23.32 -16.93
N LEU A 11 -0.41 -22.38 -16.19
CA LEU A 11 0.90 -22.61 -15.53
C LEU A 11 0.82 -23.69 -14.45
N GLU A 12 -0.27 -23.68 -13.70
CA GLU A 12 -0.52 -24.70 -12.68
C GLU A 12 -0.65 -26.10 -13.33
N GLU A 13 -1.21 -26.15 -14.54
CA GLU A 13 -1.36 -27.41 -15.27
C GLU A 13 -0.05 -27.84 -15.92
N GLN A 14 0.71 -26.87 -16.46
CA GLN A 14 1.95 -27.17 -17.17
C GLN A 14 3.01 -27.73 -16.22
N PHE A 15 3.06 -27.13 -15.03
CA PHE A 15 4.10 -27.47 -14.06
C PHE A 15 3.58 -28.37 -12.92
N ASP A 16 2.31 -28.76 -13.02
CA ASP A 16 1.65 -29.60 -12.01
C ASP A 16 1.92 -29.13 -10.58
N ALA A 17 1.62 -27.87 -10.34
CA ALA A 17 1.89 -27.24 -9.06
C ALA A 17 0.74 -26.31 -8.69
N LYS A 18 0.64 -25.94 -7.42
CA LYS A 18 -0.30 -24.90 -6.98
C LYS A 18 0.45 -23.59 -6.81
N LEU A 19 -0.10 -22.51 -7.36
CA LEU A 19 0.52 -21.17 -7.36
C LEU A 19 -0.17 -20.16 -6.44
N GLY A 20 0.64 -19.36 -5.76
CA GLY A 20 0.15 -18.28 -4.88
C GLY A 20 0.85 -17.00 -5.30
N ILE A 21 0.07 -15.99 -5.68
CA ILE A 21 0.61 -14.77 -6.25
C ILE A 21 -0.02 -13.57 -5.60
N PHE A 22 0.82 -12.66 -5.12
CA PHE A 22 0.34 -11.33 -4.85
C PHE A 22 1.35 -10.32 -5.31
N ALA A 23 0.88 -9.39 -6.14
CA ALA A 23 1.72 -8.32 -6.67
C ALA A 23 0.98 -6.99 -6.50
N LEU A 24 1.72 -5.96 -6.14
CA LEU A 24 1.19 -4.64 -5.94
C LEU A 24 2.13 -3.63 -6.56
N ASP A 25 1.59 -2.80 -7.44
CA ASP A 25 2.26 -1.60 -7.89
C ASP A 25 2.03 -0.52 -6.83
N THR A 26 3.08 -0.18 -6.09
CA THR A 26 2.97 0.82 -5.02
C THR A 26 2.58 2.22 -5.53
N GLY A 27 2.74 2.45 -6.83
CA GLY A 27 2.42 3.75 -7.42
C GLY A 27 0.97 3.92 -7.84
N THR A 28 0.29 2.82 -8.17
CA THR A 28 -1.05 2.87 -8.71
C THR A 28 -2.07 2.11 -7.87
N ASN A 29 -1.59 1.26 -6.96
CA ASN A 29 -2.46 0.32 -6.20
C ASN A 29 -3.17 -0.70 -7.08
N ARG A 30 -2.59 -0.96 -8.25
CA ARG A 30 -3.06 -2.06 -9.08
C ARG A 30 -2.43 -3.32 -8.50
N THR A 31 -3.22 -4.39 -8.41
CA THR A 31 -2.72 -5.65 -7.91
C THR A 31 -2.92 -6.75 -8.95
N VAL A 32 -2.17 -7.84 -8.80
CA VAL A 32 -2.38 -9.07 -9.56
C VAL A 32 -2.42 -10.18 -8.51
N THR A 33 -3.50 -10.94 -8.48
CA THR A 33 -3.65 -11.95 -7.45
C THR A 33 -4.02 -13.30 -8.05
N TYR A 34 -3.56 -14.37 -7.39
CA TYR A 34 -3.98 -15.73 -7.70
C TYR A 34 -3.70 -16.58 -6.47
N ARG A 35 -4.76 -17.20 -5.94
CA ARG A 35 -4.74 -17.85 -4.63
C ARG A 35 -3.92 -17.03 -3.63
N PRO A 36 -4.22 -15.72 -3.52
CA PRO A 36 -3.42 -14.82 -2.68
C PRO A 36 -3.43 -15.13 -1.19
N ASP A 37 -4.48 -15.82 -0.76
CA ASP A 37 -4.71 -16.09 0.64
C ASP A 37 -4.57 -17.56 0.98
N GLU A 38 -4.08 -18.38 0.04
CA GLU A 38 -3.78 -19.77 0.36
C GLU A 38 -2.42 -19.89 1.05
N ARG A 39 -2.36 -20.76 2.06
CA ARG A 39 -1.13 -20.98 2.84
C ARG A 39 -0.14 -21.87 2.09
N PHE A 40 1.13 -21.47 2.13
CA PHE A 40 2.25 -22.29 1.68
C PHE A 40 3.33 -22.27 2.79
N ALA A 41 4.16 -23.31 2.87
CA ALA A 41 5.37 -23.23 3.71
C ALA A 41 6.17 -22.05 3.23
N PHE A 42 6.61 -21.16 4.12
CA PHE A 42 7.37 -20.01 3.66
C PHE A 42 8.83 -20.35 3.31
N ALA A 43 9.37 -21.37 3.99
CA ALA A 43 10.77 -21.76 3.83
C ALA A 43 11.72 -20.58 4.10
N SER A 44 12.79 -20.46 3.32
CA SER A 44 13.83 -19.45 3.53
C SER A 44 13.41 -18.01 3.31
N THR A 45 12.24 -17.79 2.71
CA THR A 45 11.76 -16.43 2.60
C THR A 45 11.64 -15.81 3.99
N ILE A 46 11.52 -16.64 5.03
CA ILE A 46 11.41 -16.11 6.39
C ILE A 46 12.69 -15.37 6.76
N LYS A 47 13.80 -15.72 6.09
CA LYS A 47 15.09 -15.08 6.36
C LYS A 47 15.05 -13.58 6.19
N ALA A 48 14.31 -13.12 5.17
CA ALA A 48 14.16 -11.69 4.88
C ALA A 48 13.46 -10.95 6.01
N LEU A 49 12.33 -11.48 6.44
CA LEU A 49 11.58 -10.90 7.53
C LEU A 49 12.34 -10.97 8.85
N THR A 50 13.18 -12.00 9.00
CA THR A 50 13.99 -12.15 10.22
C THR A 50 15.04 -11.06 10.35
N VAL A 51 15.74 -10.79 9.24
CA VAL A 51 16.62 -9.62 9.18
C VAL A 51 15.80 -8.32 9.31
N GLY A 52 14.61 -8.28 8.72
CA GLY A 52 13.74 -7.10 8.91
C GLY A 52 13.60 -6.79 10.40
N VAL A 53 13.24 -7.81 11.18
CA VAL A 53 13.07 -7.65 12.62
C VAL A 53 14.38 -7.33 13.36
N LEU A 54 15.47 -8.00 12.99
CA LEU A 54 16.77 -7.68 13.59
C LEU A 54 17.13 -6.20 13.41
N LEU A 55 16.89 -5.68 12.20
CA LEU A 55 17.18 -4.27 11.92
C LEU A 55 16.37 -3.31 12.81
N GLN A 56 15.14 -3.70 13.12
CA GLN A 56 14.32 -2.98 14.10
C GLN A 56 14.95 -2.86 15.47
N GLN A 57 15.66 -3.91 15.89
CA GLN A 57 16.18 -4.04 17.25
C GLN A 57 17.65 -3.64 17.41
N LYS A 58 18.43 -3.77 16.34
CA LYS A 58 19.87 -3.54 16.43
C LYS A 58 20.28 -2.25 15.73
N SER A 59 21.20 -1.52 16.37
CA SER A 59 21.82 -0.37 15.74
C SER A 59 22.86 -0.85 14.72
N ILE A 60 23.32 0.04 13.86
CA ILE A 60 24.35 -0.35 12.89
C ILE A 60 25.59 -0.89 13.57
N GLU A 61 26.05 -0.19 14.62
CA GLU A 61 27.21 -0.68 15.37
C GLU A 61 26.99 -1.96 16.17
N ASP A 62 25.75 -2.20 16.63
CA ASP A 62 25.37 -3.51 17.20
C ASP A 62 25.71 -4.63 16.19
N LEU A 63 25.63 -4.32 14.90
CA LEU A 63 25.84 -5.34 13.86
C LEU A 63 27.31 -5.74 13.75
N ASN A 64 28.21 -4.92 14.31
CA ASN A 64 29.62 -5.29 14.40
C ASN A 64 29.96 -6.29 15.52
N GLN A 65 28.98 -6.63 16.34
CA GLN A 65 29.18 -7.58 17.44
C GLN A 65 29.52 -8.97 16.90
N ARG A 66 30.60 -9.54 17.42
CA ARG A 66 31.04 -10.88 17.06
C ARG A 66 30.22 -11.97 17.79
N ILE A 67 29.70 -12.92 17.00
CA ILE A 67 28.95 -14.06 17.51
C ILE A 67 29.83 -15.31 17.38
N THR A 68 30.18 -15.93 18.50
CA THR A 68 30.86 -17.24 18.47
C THR A 68 29.83 -18.36 18.49
N TYR A 69 30.24 -19.51 17.97
CA TYR A 69 29.37 -20.67 17.82
C TYR A 69 30.24 -21.91 17.57
N THR A 70 29.67 -23.11 17.68
CA THR A 70 30.46 -24.34 17.54
C THR A 70 30.05 -25.24 16.38
N ARG A 71 30.80 -26.31 16.16
CA ARG A 71 30.49 -27.34 15.17
C ARG A 71 29.13 -27.98 15.40
N ASP A 72 28.75 -28.09 16.66
CA ASP A 72 27.45 -28.65 17.04
C ASP A 72 26.30 -27.67 16.80
N ASP A 73 26.63 -26.39 16.73
CA ASP A 73 25.64 -25.35 16.39
C ASP A 73 25.30 -25.38 14.89
N LEU A 74 26.16 -25.98 14.08
CA LEU A 74 25.94 -26.06 12.64
C LEU A 74 24.86 -27.07 12.28
N VAL A 75 24.04 -26.72 11.29
CA VAL A 75 23.00 -27.63 10.78
C VAL A 75 23.38 -28.12 9.36
N ASN A 76 22.40 -28.51 8.55
CA ASN A 76 22.62 -29.23 7.29
C ASN A 76 23.36 -28.46 6.20
N TYR A 77 23.00 -27.19 6.00
CA TYR A 77 23.46 -26.39 4.87
C TYR A 77 24.00 -25.02 5.27
N ASN A 78 25.30 -24.96 5.47
CA ASN A 78 25.93 -23.77 6.05
C ASN A 78 27.09 -23.31 5.20
N PRO A 79 26.82 -22.80 3.97
CA PRO A 79 27.91 -22.48 3.04
C PRO A 79 28.97 -21.51 3.61
N ILE A 80 28.51 -20.47 4.31
CA ILE A 80 29.44 -19.50 4.90
C ILE A 80 29.85 -19.86 6.33
N THR A 81 28.86 -20.17 7.18
CA THR A 81 29.08 -20.33 8.62
C THR A 81 30.01 -21.49 9.00
N GLU A 82 29.95 -22.60 8.26
CA GLU A 82 30.83 -23.74 8.55
C GLU A 82 32.29 -23.39 8.34
N LYS A 83 32.54 -22.34 7.57
CA LYS A 83 33.90 -21.91 7.27
C LYS A 83 34.44 -20.94 8.33
N HIS A 84 33.67 -20.69 9.40
CA HIS A 84 34.04 -19.66 10.39
C HIS A 84 33.81 -20.03 11.85
N VAL A 85 33.74 -21.33 12.13
CA VAL A 85 33.55 -21.85 13.50
C VAL A 85 34.65 -21.39 14.46
N ASP A 86 35.89 -21.33 13.97
CA ASP A 86 37.06 -20.97 14.77
C ASP A 86 37.06 -19.50 15.18
N THR A 87 36.56 -18.63 14.30
CA THR A 87 36.74 -17.19 14.47
C THR A 87 35.47 -16.40 14.78
N GLY A 88 34.32 -17.04 14.63
CA GLY A 88 33.04 -16.37 14.78
C GLY A 88 32.72 -15.47 13.61
N MET A 89 31.55 -14.83 13.65
CA MET A 89 31.10 -13.89 12.62
C MET A 89 30.31 -12.75 13.24
N THR A 90 30.48 -11.53 12.71
CA THR A 90 29.65 -10.39 13.13
C THR A 90 28.20 -10.61 12.67
N LEU A 91 27.27 -9.91 13.34
CA LEU A 91 25.85 -10.00 12.98
C LEU A 91 25.68 -9.53 11.55
N LYS A 92 26.42 -8.47 11.18
CA LYS A 92 26.40 -7.94 9.81
C LYS A 92 26.72 -9.04 8.78
N GLU A 93 27.75 -9.84 9.06
CA GLU A 93 28.18 -10.93 8.17
C GLU A 93 27.22 -12.10 8.16
N LEU A 94 26.60 -12.36 9.31
CA LEU A 94 25.53 -13.39 9.39
C LEU A 94 24.31 -12.99 8.57
N ALA A 95 23.95 -11.71 8.61
CA ALA A 95 22.78 -11.23 7.84
C ALA A 95 23.07 -11.36 6.34
N ASP A 96 24.29 -10.98 5.96
CA ASP A 96 24.73 -11.11 4.59
C ASP A 96 24.66 -12.57 4.09
N ALA A 97 25.20 -13.50 4.88
CA ALA A 97 25.19 -14.92 4.55
C ALA A 97 23.75 -15.46 4.51
N SER A 98 22.95 -15.10 5.53
CA SER A 98 21.56 -15.56 5.54
C SER A 98 20.79 -15.10 4.30
N LEU A 99 20.83 -13.82 4.00
CA LEU A 99 20.07 -13.29 2.86
C LEU A 99 20.57 -13.71 1.46
N ARG A 100 21.88 -13.72 1.25
CA ARG A 100 22.42 -13.86 -0.11
C ARG A 100 22.83 -15.27 -0.49
N TYR A 101 23.13 -16.09 0.52
CA TYR A 101 23.38 -17.51 0.33
C TYR A 101 22.36 -18.42 1.00
N SER A 102 21.45 -17.85 1.80
CA SER A 102 20.41 -18.66 2.46
C SER A 102 21.05 -19.66 3.44
N ASP A 103 22.12 -19.21 4.10
CA ASP A 103 22.85 -19.98 5.11
C ASP A 103 21.96 -20.25 6.33
N ASN A 104 21.70 -21.52 6.64
CA ASN A 104 20.70 -21.92 7.67
C ASN A 104 21.15 -21.64 9.12
N THR A 105 22.44 -21.87 9.40
CA THR A 105 23.01 -21.54 10.71
C THR A 105 23.02 -20.02 10.97
N ALA A 106 23.35 -19.25 9.93
CA ALA A 106 23.28 -17.80 9.98
C ALA A 106 21.88 -17.34 10.39
N GLN A 107 20.87 -17.87 9.71
CA GLN A 107 19.48 -17.62 10.06
C GLN A 107 19.22 -17.99 11.53
N ASN A 108 19.63 -19.19 11.94
CA ASN A 108 19.34 -19.65 13.32
C ASN A 108 19.96 -18.79 14.41
N LEU A 109 21.19 -18.34 14.15
CA LEU A 109 21.91 -17.43 15.04
C LEU A 109 21.27 -16.06 15.13
N ILE A 110 20.79 -15.56 13.99
CA ILE A 110 20.02 -14.32 13.96
C ILE A 110 18.69 -14.46 14.71
N LEU A 111 18.00 -15.57 14.51
CA LEU A 111 16.71 -15.78 15.16
C LEU A 111 16.85 -15.84 16.69
N LYS A 112 17.90 -16.51 17.18
CA LYS A 112 18.22 -16.51 18.60
C LYS A 112 18.44 -15.10 19.14
N GLN A 113 19.16 -14.27 18.39
CA GLN A 113 19.41 -12.88 18.77
C GLN A 113 18.12 -12.08 18.93
N ILE A 114 17.10 -12.40 18.15
CA ILE A 114 15.84 -11.67 18.31
C ILE A 114 14.86 -12.32 19.29
N GLY A 115 15.25 -13.45 19.88
CA GLY A 115 14.41 -14.07 20.92
C GLY A 115 13.74 -15.38 20.52
N GLY A 116 14.00 -15.87 19.30
CA GLY A 116 13.39 -17.14 18.85
C GLY A 116 12.10 -16.97 18.06
N PRO A 117 11.48 -18.09 17.62
CA PRO A 117 10.36 -17.98 16.70
C PRO A 117 9.15 -17.26 17.29
N GLU A 118 8.85 -17.47 18.56
CA GLU A 118 7.75 -16.77 19.19
C GLU A 118 7.97 -15.25 19.20
N SER A 119 9.21 -14.81 19.42
CA SER A 119 9.51 -13.36 19.35
C SER A 119 9.36 -12.80 17.94
N LEU A 120 9.90 -13.49 16.93
CA LEU A 120 9.63 -13.18 15.53
C LEU A 120 8.10 -13.07 15.26
N LYS A 121 7.33 -14.07 15.70
CA LYS A 121 5.88 -14.04 15.53
C LYS A 121 5.27 -12.77 16.14
N LYS A 122 5.63 -12.50 17.40
CA LYS A 122 5.11 -11.32 18.10
C LYS A 122 5.42 -10.02 17.36
N GLU A 123 6.64 -9.92 16.84
CA GLU A 123 7.03 -8.73 16.09
C GLU A 123 6.24 -8.58 14.79
N LEU A 124 5.98 -9.71 14.11
CA LEU A 124 5.18 -9.67 12.88
C LEU A 124 3.75 -9.29 13.18
N ARG A 125 3.18 -9.82 14.26
CA ARG A 125 1.83 -9.41 14.70
C ARG A 125 1.76 -7.89 14.96
N LYS A 126 2.80 -7.34 15.60
CA LYS A 126 2.89 -5.89 15.88
C LYS A 126 2.78 -5.02 14.62
N ILE A 127 3.38 -5.47 13.52
CA ILE A 127 3.33 -4.69 12.27
C ILE A 127 2.08 -4.96 11.44
N GLY A 128 1.20 -5.80 11.96
CA GLY A 128 -0.07 -6.09 11.32
C GLY A 128 -0.11 -7.36 10.49
N ASP A 129 0.95 -8.16 10.51
CA ASP A 129 0.93 -9.50 9.89
C ASP A 129 0.31 -10.52 10.85
N GLU A 130 -0.97 -10.84 10.64
CA GLU A 130 -1.68 -11.80 11.48
C GLU A 130 -1.69 -13.22 10.90
N VAL A 131 -0.88 -13.46 9.87
CA VAL A 131 -0.98 -14.70 9.10
C VAL A 131 0.28 -15.56 9.25
N THR A 132 1.44 -14.95 9.05
CA THR A 132 2.72 -15.65 9.10
C THR A 132 2.92 -16.27 10.48
N ASN A 133 3.31 -17.54 10.50
CA ASN A 133 3.32 -18.32 11.71
C ASN A 133 4.62 -19.10 11.99
N PRO A 134 5.72 -18.41 12.37
CA PRO A 134 6.98 -19.10 12.61
C PRO A 134 6.98 -19.93 13.91
N GLU A 135 7.41 -21.19 13.84
CA GLU A 135 7.55 -21.98 15.07
C GLU A 135 8.92 -22.65 15.22
N ARG A 136 9.66 -22.77 14.11
CA ARG A 136 10.87 -23.58 14.09
C ARG A 136 12.11 -22.88 13.54
N PHE A 137 13.26 -23.50 13.77
CA PHE A 137 14.53 -23.03 13.22
C PHE A 137 14.77 -23.74 11.89
N GLU A 138 15.84 -23.36 11.18
CA GLU A 138 16.24 -24.06 9.95
C GLU A 138 17.06 -25.29 10.34
N PRO A 139 16.96 -26.40 9.55
CA PRO A 139 16.14 -26.62 8.34
C PRO A 139 14.76 -27.22 8.58
N GLU A 140 14.41 -27.49 9.84
CA GLU A 140 13.16 -28.17 10.11
C GLU A 140 11.90 -27.37 9.69
N LEU A 141 11.96 -26.04 9.75
CA LEU A 141 10.83 -25.19 9.32
C LEU A 141 10.41 -25.42 7.84
N ASN A 142 11.37 -25.78 6.98
CA ASN A 142 11.10 -26.02 5.55
C ASN A 142 10.12 -27.17 5.25
N GLU A 143 9.83 -27.99 6.26
CA GLU A 143 9.00 -29.17 6.06
C GLU A 143 7.63 -29.03 6.72
N VAL A 144 6.64 -28.77 5.88
CA VAL A 144 5.26 -28.54 6.33
C VAL A 144 4.37 -29.49 5.54
N ASN A 145 3.51 -30.19 6.27
CA ASN A 145 2.58 -31.14 5.68
C ASN A 145 1.24 -30.47 5.38
N PRO A 146 0.43 -31.08 4.48
CA PRO A 146 -0.84 -30.50 4.04
C PRO A 146 -1.79 -30.22 5.20
N GLY A 147 -2.39 -29.04 5.20
CA GLY A 147 -3.35 -28.68 6.24
C GLY A 147 -2.71 -27.99 7.43
N GLU A 148 -1.38 -28.15 7.58
CA GLU A 148 -0.66 -27.55 8.70
C GLU A 148 -0.46 -26.05 8.51
N THR A 149 -0.43 -25.32 9.62
CA THR A 149 -0.24 -23.87 9.59
C THR A 149 1.10 -23.42 10.19
N GLN A 150 1.78 -24.32 10.90
CA GLN A 150 3.13 -24.02 11.39
C GLN A 150 4.09 -23.69 10.25
N ASP A 151 4.84 -22.60 10.43
CA ASP A 151 5.82 -22.14 9.46
C ASP A 151 5.24 -21.87 8.06
N THR A 152 3.98 -21.44 8.04
CA THR A 152 3.34 -21.04 6.80
C THR A 152 2.99 -19.56 6.80
N SER A 153 2.67 -19.07 5.60
CA SER A 153 2.08 -17.74 5.39
C SER A 153 1.37 -17.77 4.02
N THR A 154 1.01 -16.60 3.54
CA THR A 154 0.35 -16.48 2.23
C THR A 154 1.13 -15.52 1.38
N ALA A 155 0.89 -15.57 0.06
CA ALA A 155 1.48 -14.62 -0.87
C ALA A 155 1.23 -13.17 -0.41
N ARG A 156 0.00 -12.90 0.04
CA ARG A 156 -0.40 -11.56 0.41
C ARG A 156 0.37 -11.07 1.65
N ALA A 157 0.46 -11.92 2.67
CA ALA A 157 1.06 -11.57 3.95
C ALA A 157 2.58 -11.45 3.86
N LEU A 158 3.21 -12.34 3.08
CA LEU A 158 4.66 -12.29 2.87
C LEU A 158 5.06 -11.01 2.13
N ALA A 159 4.35 -10.72 1.03
CA ALA A 159 4.57 -9.49 0.25
C ALA A 159 4.38 -8.23 1.10
N THR A 160 3.28 -8.18 1.85
CA THR A 160 2.94 -7.05 2.72
C THR A 160 3.96 -6.83 3.82
N SER A 161 4.38 -7.94 4.45
CA SER A 161 5.41 -7.91 5.47
C SER A 161 6.76 -7.51 4.87
N LEU A 162 7.11 -8.05 3.71
CA LEU A 162 8.33 -7.60 3.01
C LEU A 162 8.23 -6.09 2.64
N GLN A 163 7.12 -5.68 2.04
CA GLN A 163 6.83 -4.27 1.78
C GLN A 163 7.04 -3.41 3.03
N ALA A 164 6.59 -3.90 4.20
CA ALA A 164 6.66 -3.12 5.46
C ALA A 164 8.07 -2.75 5.89
N PHE A 165 9.01 -3.68 5.75
CA PHE A 165 10.36 -3.45 6.20
C PHE A 165 11.18 -2.71 5.16
N ALA A 166 10.97 -3.07 3.90
CA ALA A 166 11.78 -2.56 2.79
C ALA A 166 11.35 -1.19 2.26
N LEU A 167 10.04 -0.90 2.29
CA LEU A 167 9.49 0.31 1.66
C LEU A 167 8.73 1.28 2.59
N GLU A 168 8.22 0.81 3.73
CA GLU A 168 7.40 1.67 4.59
C GLU A 168 8.22 2.17 5.77
N ASP A 169 7.58 2.66 6.82
CA ASP A 169 8.32 3.28 7.93
C ASP A 169 8.65 2.32 9.08
N LYS A 170 8.55 1.01 8.82
CA LYS A 170 8.87 0.00 9.84
C LYS A 170 10.36 -0.03 10.13
N LEU A 171 11.13 0.47 9.18
CA LEU A 171 12.56 0.67 9.33
C LEU A 171 12.87 2.09 8.85
N PRO A 172 13.84 2.75 9.50
CA PRO A 172 14.34 4.04 9.01
C PRO A 172 15.16 3.85 7.71
N SER A 173 15.23 4.89 6.88
CA SER A 173 15.75 4.79 5.49
C SER A 173 17.08 4.06 5.34
N GLU A 174 18.04 4.36 6.20
CA GLU A 174 19.34 3.71 6.12
C GLU A 174 19.23 2.20 6.26
N LYS A 175 18.40 1.75 7.20
CA LYS A 175 18.23 0.32 7.43
C LYS A 175 17.42 -0.34 6.32
N ARG A 176 16.41 0.36 5.81
CA ARG A 176 15.77 -0.04 4.54
C ARG A 176 16.80 -0.28 3.44
N GLU A 177 17.67 0.70 3.20
CA GLU A 177 18.71 0.61 2.15
C GLU A 177 19.62 -0.60 2.32
N LEU A 178 19.99 -0.86 3.56
CA LEU A 178 20.85 -1.98 3.92
C LEU A 178 20.18 -3.33 3.57
N LEU A 179 18.91 -3.45 3.96
CA LEU A 179 18.12 -4.64 3.65
C LEU A 179 18.00 -4.82 2.14
N ILE A 180 17.57 -3.77 1.46
CA ILE A 180 17.45 -3.78 0.01
C ILE A 180 18.78 -4.13 -0.68
N ASP A 181 19.88 -3.55 -0.23
CA ASP A 181 21.18 -3.77 -0.85
C ASP A 181 21.60 -5.25 -0.75
N TRP A 182 21.37 -5.87 0.41
CA TRP A 182 21.62 -7.30 0.54
C TRP A 182 20.77 -8.08 -0.43
N MET A 183 19.48 -7.74 -0.51
CA MET A 183 18.54 -8.52 -1.30
C MET A 183 18.79 -8.33 -2.79
N LYS A 184 19.19 -7.13 -3.21
CA LYS A 184 19.62 -6.88 -4.60
C LYS A 184 20.75 -7.80 -5.01
N ARG A 185 21.69 -8.05 -4.08
CA ARG A 185 22.88 -8.87 -4.36
C ARG A 185 22.70 -10.36 -3.98
N ASN A 186 21.45 -10.80 -3.87
CA ASN A 186 21.14 -12.21 -3.65
C ASN A 186 21.76 -13.09 -4.75
N THR A 187 22.32 -14.23 -4.35
CA THR A 187 22.96 -15.16 -5.29
C THR A 187 22.08 -16.35 -5.70
N THR A 188 20.95 -16.56 -5.01
CA THR A 188 20.16 -17.78 -5.19
C THR A 188 18.95 -17.65 -6.14
N GLY A 189 18.67 -16.44 -6.64
CA GLY A 189 17.45 -16.20 -7.39
C GLY A 189 17.51 -15.96 -8.89
N ASP A 190 18.62 -16.26 -9.54
CA ASP A 190 18.82 -15.93 -10.96
C ASP A 190 17.82 -16.52 -11.93
N ALA A 191 17.22 -17.66 -11.55
CA ALA A 191 16.30 -18.39 -12.41
C ALA A 191 14.85 -18.19 -12.02
N LEU A 192 14.58 -17.31 -11.06
CA LEU A 192 13.22 -17.14 -10.58
C LEU A 192 12.63 -15.82 -11.07
N ILE A 193 12.25 -14.93 -10.14
CA ILE A 193 11.71 -13.62 -10.49
C ILE A 193 12.64 -12.84 -11.41
N ARG A 194 13.95 -12.88 -11.15
CA ARG A 194 14.93 -12.21 -12.02
C ARG A 194 14.81 -12.62 -13.47
N ALA A 195 14.54 -13.91 -13.70
CA ALA A 195 14.43 -14.45 -15.07
C ALA A 195 13.11 -14.07 -15.76
N GLY A 196 12.18 -13.47 -15.03
CA GLY A 196 10.85 -13.16 -15.57
C GLY A 196 10.52 -11.69 -15.72
N VAL A 197 11.48 -10.81 -15.42
CA VAL A 197 11.29 -9.38 -15.56
C VAL A 197 12.03 -8.86 -16.81
N PRO A 198 11.51 -7.79 -17.42
CA PRO A 198 12.19 -7.20 -18.58
C PRO A 198 13.55 -6.58 -18.25
N GLU A 199 14.35 -6.42 -19.31
CA GLU A 199 15.69 -5.83 -19.22
C GLU A 199 15.61 -4.46 -18.56
N GLY A 200 16.53 -4.20 -17.63
CA GLY A 200 16.57 -2.91 -16.94
C GLY A 200 15.70 -2.81 -15.70
N TRP A 201 14.99 -3.89 -15.36
CA TRP A 201 14.24 -3.94 -14.11
C TRP A 201 15.18 -4.45 -13.02
N GLU A 202 15.16 -3.75 -11.89
CA GLU A 202 15.98 -4.05 -10.71
C GLU A 202 15.22 -4.96 -9.74
N VAL A 203 15.91 -5.95 -9.19
CA VAL A 203 15.27 -6.95 -8.35
C VAL A 203 16.04 -7.14 -7.04
N ALA A 204 15.28 -7.15 -5.94
CA ALA A 204 15.79 -7.54 -4.63
C ALA A 204 14.88 -8.66 -4.14
N ASP A 205 15.42 -9.87 -4.06
CA ASP A 205 14.61 -11.03 -3.75
C ASP A 205 15.17 -11.90 -2.62
N LYS A 206 14.31 -12.69 -2.01
CA LYS A 206 14.73 -13.82 -1.20
C LYS A 206 13.97 -15.08 -1.66
N THR A 207 14.70 -16.18 -1.89
CA THR A 207 14.14 -17.44 -2.36
C THR A 207 13.83 -18.38 -1.19
N GLY A 208 13.03 -19.38 -1.48
CA GLY A 208 12.77 -20.44 -0.52
C GLY A 208 12.53 -21.76 -1.26
N ALA A 209 12.81 -22.86 -0.56
CA ALA A 209 12.57 -24.19 -1.09
C ALA A 209 12.24 -25.09 0.09
N GLY A 210 11.21 -25.91 -0.05
CA GLY A 210 10.73 -26.76 1.04
C GLY A 210 10.19 -28.09 0.53
N SER A 211 9.62 -28.87 1.46
CA SER A 211 9.05 -30.19 1.14
C SER A 211 7.87 -29.96 0.24
N TYR A 212 7.39 -31.04 -0.37
CA TYR A 212 6.31 -30.98 -1.36
C TYR A 212 6.65 -30.09 -2.55
N GLY A 213 7.91 -30.06 -2.94
CA GLY A 213 8.33 -29.27 -4.10
C GLY A 213 7.96 -27.79 -3.97
N THR A 214 7.96 -27.28 -2.73
CA THR A 214 7.68 -25.88 -2.46
C THR A 214 8.80 -25.01 -3.00
N ARG A 215 8.46 -24.05 -3.86
CA ARG A 215 9.47 -23.16 -4.44
C ARG A 215 8.94 -21.73 -4.47
N ASN A 216 9.57 -20.85 -3.67
CA ASN A 216 9.10 -19.49 -3.44
C ASN A 216 10.13 -18.44 -3.82
N ASP A 217 9.63 -17.26 -4.19
CA ASP A 217 10.47 -16.08 -4.34
C ASP A 217 9.66 -14.86 -3.93
N ILE A 218 10.21 -14.06 -3.04
CA ILE A 218 9.59 -12.79 -2.68
C ILE A 218 10.53 -11.65 -3.03
N ALA A 219 9.96 -10.55 -3.51
CA ALA A 219 10.79 -9.49 -4.05
C ALA A 219 10.16 -8.11 -4.02
N ILE A 220 11.03 -7.12 -4.00
CA ILE A 220 10.71 -5.78 -4.44
C ILE A 220 11.34 -5.66 -5.81
N ILE A 221 10.59 -5.17 -6.79
CA ILE A 221 11.15 -4.90 -8.12
C ILE A 221 10.88 -3.48 -8.61
N TRP A 222 11.87 -2.93 -9.33
CA TRP A 222 11.80 -1.56 -9.81
C TRP A 222 11.85 -1.52 -11.35
N PRO A 223 10.76 -1.05 -12.00
CA PRO A 223 10.80 -0.77 -13.43
C PRO A 223 11.84 0.32 -13.71
N PRO A 224 12.23 0.51 -14.98
CA PRO A 224 13.16 1.58 -15.33
C PRO A 224 12.73 2.92 -14.72
N LYS A 225 11.47 3.30 -14.91
CA LYS A 225 10.89 4.45 -14.24
C LYS A 225 9.59 4.05 -13.53
N GLY A 226 9.31 4.73 -12.42
CA GLY A 226 8.10 4.45 -11.65
C GLY A 226 8.37 3.80 -10.31
N ASP A 227 7.30 3.72 -9.52
CA ASP A 227 7.37 3.17 -8.18
C ASP A 227 7.61 1.67 -8.20
N PRO A 228 8.16 1.12 -7.10
CA PRO A 228 8.43 -0.33 -7.00
C PRO A 228 7.18 -1.20 -6.98
N VAL A 229 7.34 -2.43 -7.43
CA VAL A 229 6.32 -3.44 -7.35
C VAL A 229 6.76 -4.42 -6.26
N VAL A 230 5.82 -4.78 -5.37
CA VAL A 230 6.02 -5.82 -4.37
C VAL A 230 5.43 -7.12 -4.92
N LEU A 231 6.21 -8.21 -4.89
CA LEU A 231 5.76 -9.48 -5.47
C LEU A 231 6.15 -10.67 -4.59
N ALA A 232 5.15 -11.51 -4.27
CA ALA A 232 5.38 -12.84 -3.72
C ALA A 232 4.85 -13.85 -4.73
N VAL A 233 5.70 -14.82 -5.05
CA VAL A 233 5.31 -15.97 -5.88
C VAL A 233 5.63 -17.25 -5.11
N LEU A 234 4.58 -17.95 -4.68
CA LEU A 234 4.71 -19.15 -3.86
C LEU A 234 4.20 -20.36 -4.64
N SER A 235 4.78 -21.53 -4.40
CA SER A 235 4.30 -22.73 -5.08
C SER A 235 4.57 -23.98 -4.28
N SER A 236 3.69 -24.98 -4.43
CA SER A 236 3.89 -26.28 -3.85
C SER A 236 3.23 -27.33 -4.75
N ARG A 237 3.53 -28.60 -4.47
CA ARG A 237 3.10 -29.71 -5.34
C ARG A 237 2.45 -30.78 -4.43
N ASP A 238 1.88 -31.82 -5.00
CA ASP A 238 1.15 -32.75 -4.13
C ASP A 238 1.95 -33.93 -3.54
N LYS A 239 3.19 -34.14 -3.99
CA LYS A 239 4.03 -35.19 -3.43
C LYS A 239 5.16 -34.65 -2.55
N LYS A 240 5.38 -35.34 -1.43
CA LYS A 240 6.33 -34.93 -0.40
C LYS A 240 7.76 -34.74 -0.92
N ASP A 241 8.16 -35.62 -1.82
CA ASP A 241 9.54 -35.66 -2.32
C ASP A 241 9.67 -35.02 -3.70
N ALA A 242 8.64 -34.27 -4.12
CA ALA A 242 8.61 -33.68 -5.48
C ALA A 242 9.75 -32.69 -5.73
N LYS A 243 10.22 -32.66 -6.97
CA LYS A 243 11.18 -31.65 -7.40
C LYS A 243 10.40 -30.44 -7.88
N TYR A 244 10.98 -29.25 -7.71
CA TYR A 244 10.37 -28.05 -8.24
C TYR A 244 11.06 -27.70 -9.57
N ASP A 245 10.41 -26.85 -10.37
CA ASP A 245 11.01 -26.31 -11.61
C ASP A 245 11.00 -24.79 -11.50
N ASP A 246 12.18 -24.17 -11.46
CA ASP A 246 12.32 -22.71 -11.37
C ASP A 246 11.57 -21.96 -12.47
N LYS A 247 11.44 -22.58 -13.65
CA LYS A 247 10.72 -21.97 -14.77
C LYS A 247 9.27 -21.57 -14.44
N LEU A 248 8.64 -22.27 -13.51
CA LEU A 248 7.30 -21.90 -13.07
C LEU A 248 7.27 -20.48 -12.49
N ILE A 249 8.24 -20.15 -11.65
CA ILE A 249 8.30 -18.82 -11.05
C ILE A 249 8.67 -17.73 -12.07
N ALA A 250 9.58 -18.04 -12.98
CA ALA A 250 9.96 -17.09 -14.01
C ALA A 250 8.79 -16.76 -14.91
N GLU A 251 8.05 -17.79 -15.35
CA GLU A 251 6.91 -17.58 -16.25
C GLU A 251 5.76 -16.88 -15.55
N ALA A 252 5.51 -17.24 -14.29
CA ALA A 252 4.45 -16.59 -13.52
C ALA A 252 4.72 -15.10 -13.36
N THR A 253 6.01 -14.77 -13.14
CA THR A 253 6.47 -13.39 -13.06
C THR A 253 6.17 -12.64 -14.37
N LYS A 254 6.46 -13.29 -15.49
CA LYS A 254 6.20 -12.72 -16.80
C LYS A 254 4.70 -12.44 -16.97
N VAL A 255 3.85 -13.30 -16.43
CA VAL A 255 2.41 -13.04 -16.47
C VAL A 255 2.05 -11.81 -15.63
N VAL A 256 2.67 -11.69 -14.46
CA VAL A 256 2.48 -10.52 -13.59
C VAL A 256 2.93 -9.22 -14.27
N VAL A 257 4.09 -9.25 -14.90
CA VAL A 257 4.56 -8.07 -15.62
C VAL A 257 3.58 -7.66 -16.73
N LYS A 258 3.15 -8.62 -17.55
CA LYS A 258 2.21 -8.36 -18.64
C LYS A 258 0.91 -7.77 -18.12
N ALA A 259 0.42 -8.29 -16.99
CA ALA A 259 -0.86 -7.87 -16.44
C ALA A 259 -0.77 -6.47 -15.86
N LEU A 260 0.41 -6.14 -15.34
CA LEU A 260 0.65 -4.79 -14.82
C LEU A 260 0.93 -3.76 -15.93
N ASN A 261 1.44 -4.22 -17.07
CA ASN A 261 1.59 -3.37 -18.26
C ASN A 261 0.24 -3.27 -18.98
N LYS B 5 -19.67 -7.66 -4.05
CA LYS B 5 -19.86 -7.46 -5.52
C LYS B 5 -21.33 -7.35 -5.90
N ASP B 6 -22.10 -8.36 -5.51
CA ASP B 6 -23.55 -8.41 -5.78
C ASP B 6 -24.27 -7.28 -5.08
N ASP B 7 -23.83 -6.97 -3.86
CA ASP B 7 -24.43 -5.89 -3.07
C ASP B 7 -24.23 -4.54 -3.75
N PHE B 8 -23.07 -4.32 -4.36
CA PHE B 8 -22.82 -3.09 -5.10
C PHE B 8 -23.75 -2.93 -6.32
N ALA B 9 -23.89 -3.98 -7.13
CA ALA B 9 -24.77 -3.96 -8.29
C ALA B 9 -26.24 -3.72 -7.86
N LYS B 10 -26.65 -4.41 -6.80
CA LYS B 10 -27.95 -4.17 -6.14
C LYS B 10 -28.16 -2.70 -5.77
N LEU B 11 -27.13 -2.09 -5.18
CA LEU B 11 -27.21 -0.68 -4.79
C LEU B 11 -27.37 0.21 -6.02
N GLU B 12 -26.59 -0.05 -7.07
CA GLU B 12 -26.70 0.67 -8.33
C GLU B 12 -28.13 0.69 -8.87
N GLU B 13 -28.79 -0.46 -8.91
CA GLU B 13 -30.14 -0.53 -9.45
C GLU B 13 -31.18 0.09 -8.52
N GLN B 14 -31.03 -0.10 -7.22
CA GLN B 14 -31.98 0.50 -6.29
C GLN B 14 -31.92 2.02 -6.28
N PHE B 15 -30.71 2.58 -6.28
CA PHE B 15 -30.56 4.03 -6.29
C PHE B 15 -30.45 4.64 -7.70
N ASP B 16 -30.60 3.80 -8.74
CA ASP B 16 -30.50 4.25 -10.13
C ASP B 16 -29.24 5.13 -10.35
N ALA B 17 -28.09 4.58 -9.99
CA ALA B 17 -26.83 5.32 -9.98
C ALA B 17 -25.66 4.40 -10.30
N LYS B 18 -24.52 5.01 -10.65
CA LYS B 18 -23.26 4.30 -10.90
C LYS B 18 -22.35 4.46 -9.69
N LEU B 19 -21.70 3.37 -9.27
CA LEU B 19 -20.80 3.38 -8.11
C LEU B 19 -19.36 3.08 -8.52
N GLY B 20 -18.41 3.79 -7.91
CA GLY B 20 -16.97 3.56 -8.13
C GLY B 20 -16.31 3.41 -6.75
N ILE B 21 -15.73 2.23 -6.51
CA ILE B 21 -15.24 1.87 -5.16
C ILE B 21 -13.78 1.41 -5.19
N PHE B 22 -12.94 2.05 -4.38
CA PHE B 22 -11.64 1.49 -4.04
C PHE B 22 -11.36 1.64 -2.54
N ALA B 23 -11.20 0.51 -1.85
CA ALA B 23 -10.74 0.50 -0.46
C ALA B 23 -9.51 -0.39 -0.30
N LEU B 24 -8.54 0.08 0.47
CA LEU B 24 -7.33 -0.69 0.83
C LEU B 24 -7.07 -0.74 2.33
N ASP B 25 -7.03 -1.94 2.91
CA ASP B 25 -6.55 -2.06 4.29
C ASP B 25 -5.02 -2.03 4.27
N THR B 26 -4.41 -0.94 4.76
CA THR B 26 -2.96 -0.76 4.63
C THR B 26 -2.16 -1.79 5.44
N GLY B 27 -2.82 -2.44 6.40
CA GLY B 27 -2.19 -3.46 7.24
C GLY B 27 -2.07 -4.82 6.59
N THR B 28 -3.02 -5.14 5.71
CA THR B 28 -3.09 -6.47 5.09
C THR B 28 -2.95 -6.46 3.56
N ASN B 29 -3.10 -5.30 2.93
CA ASN B 29 -3.21 -5.23 1.47
C ASN B 29 -4.42 -6.00 0.91
N ARG B 30 -5.46 -6.13 1.73
CA ARG B 30 -6.78 -6.57 1.28
C ARG B 30 -7.49 -5.38 0.65
N THR B 31 -8.13 -5.60 -0.48
CA THR B 31 -8.82 -4.51 -1.20
C THR B 31 -10.28 -4.84 -1.44
N VAL B 32 -11.10 -3.80 -1.55
CA VAL B 32 -12.46 -3.98 -2.10
C VAL B 32 -12.58 -3.03 -3.28
N THR B 33 -12.93 -3.59 -4.43
CA THR B 33 -13.05 -2.79 -5.65
C THR B 33 -14.40 -3.01 -6.36
N TYR B 34 -14.94 -1.92 -6.89
CA TYR B 34 -16.10 -1.96 -7.78
C TYR B 34 -15.98 -0.81 -8.77
N ARG B 35 -15.90 -1.13 -10.06
CA ARG B 35 -15.62 -0.11 -11.11
C ARG B 35 -14.47 0.84 -10.67
N PRO B 36 -13.40 0.28 -10.08
CA PRO B 36 -12.36 1.12 -9.49
C PRO B 36 -11.64 2.02 -10.50
N ASP B 37 -11.75 1.70 -11.80
CA ASP B 37 -11.08 2.48 -12.84
C ASP B 37 -12.00 3.26 -13.77
N GLU B 38 -13.26 3.38 -13.38
CA GLU B 38 -14.21 4.18 -14.13
C GLU B 38 -14.13 5.65 -13.66
N ARG B 39 -14.14 6.57 -14.63
CA ARG B 39 -13.93 8.01 -14.33
C ARG B 39 -15.24 8.59 -13.80
N PHE B 40 -15.14 9.48 -12.82
CA PHE B 40 -16.27 10.21 -12.28
C PHE B 40 -15.76 11.63 -12.09
N ALA B 41 -16.65 12.63 -12.17
CA ALA B 41 -16.32 13.98 -11.68
C ALA B 41 -15.88 13.92 -10.24
N PHE B 42 -14.68 14.43 -9.94
CA PHE B 42 -14.22 14.38 -8.57
C PHE B 42 -14.85 15.40 -7.61
N ALA B 43 -15.32 16.52 -8.17
CA ALA B 43 -15.94 17.56 -7.36
C ALA B 43 -15.02 18.04 -6.23
N SER B 44 -15.57 18.30 -5.05
CA SER B 44 -14.80 18.88 -3.92
C SER B 44 -13.75 17.96 -3.28
N THR B 45 -13.75 16.68 -3.65
CA THR B 45 -12.75 15.76 -3.13
C THR B 45 -11.36 16.24 -3.54
N ILE B 46 -11.28 17.03 -4.61
CA ILE B 46 -10.00 17.59 -5.07
C ILE B 46 -9.38 18.57 -4.05
N LYS B 47 -10.20 19.06 -3.11
CA LYS B 47 -9.73 20.01 -2.10
C LYS B 47 -8.70 19.38 -1.16
N ALA B 48 -8.87 18.08 -0.88
CA ALA B 48 -7.92 17.35 -0.04
C ALA B 48 -6.57 17.25 -0.71
N LEU B 49 -6.55 16.83 -1.98
CA LEU B 49 -5.30 16.68 -2.73
C LEU B 49 -4.59 18.02 -2.96
N THR B 50 -5.38 19.07 -3.12
CA THR B 50 -4.88 20.43 -3.30
C THR B 50 -4.08 20.91 -2.08
N VAL B 51 -4.65 20.72 -0.90
CA VAL B 51 -3.95 20.95 0.35
C VAL B 51 -2.74 20.03 0.47
N GLY B 52 -2.90 18.78 0.02
CA GLY B 52 -1.77 17.84 -0.02
C GLY B 52 -0.57 18.45 -0.72
N VAL B 53 -0.82 19.07 -1.87
CA VAL B 53 0.24 19.65 -2.69
C VAL B 53 0.74 20.96 -2.07
N LEU B 54 -0.16 21.70 -1.42
CA LEU B 54 0.23 22.94 -0.75
C LEU B 54 1.28 22.61 0.31
N LEU B 55 1.01 21.56 1.08
CA LEU B 55 1.92 21.08 2.12
C LEU B 55 3.28 20.60 1.59
N GLN B 56 3.32 20.06 0.37
CA GLN B 56 4.59 19.69 -0.28
C GLN B 56 5.50 20.88 -0.51
N GLN B 57 4.89 22.03 -0.81
CA GLN B 57 5.61 23.21 -1.31
C GLN B 57 5.90 24.30 -0.27
N LYS B 58 5.15 24.28 0.82
CA LYS B 58 5.28 25.27 1.89
C LYS B 58 5.71 24.60 3.20
N SER B 59 6.71 25.20 3.86
CA SER B 59 7.11 24.78 5.21
C SER B 59 5.98 25.10 6.18
N ILE B 60 6.06 24.54 7.40
CA ILE B 60 5.02 24.78 8.41
C ILE B 60 4.90 26.28 8.72
N GLU B 61 6.04 26.96 8.71
CA GLU B 61 6.12 28.40 8.92
C GLU B 61 5.41 29.18 7.79
N ASP B 62 5.73 28.83 6.54
CA ASP B 62 5.13 29.49 5.37
C ASP B 62 3.59 29.51 5.37
N LEU B 63 2.99 28.53 6.05
CA LEU B 63 1.54 28.47 6.20
C LEU B 63 0.97 29.61 7.05
N ASN B 64 1.84 30.41 7.64
CA ASN B 64 1.41 31.60 8.39
C ASN B 64 1.35 32.87 7.54
N GLN B 65 1.93 32.78 6.34
CA GLN B 65 1.82 33.86 5.34
C GLN B 65 0.35 34.26 5.13
N ARG B 66 0.13 35.58 5.12
CA ARG B 66 -1.20 36.16 4.97
C ARG B 66 -1.59 36.28 3.50
N ILE B 67 -2.85 36.03 3.20
CA ILE B 67 -3.39 36.16 1.84
C ILE B 67 -4.61 37.08 1.87
N THR B 68 -4.58 38.14 1.09
CA THR B 68 -5.70 39.09 1.00
C THR B 68 -6.53 38.82 -0.24
N TYR B 69 -7.82 39.10 -0.13
CA TYR B 69 -8.75 38.96 -1.23
C TYR B 69 -9.88 39.98 -1.07
N THR B 70 -10.45 40.39 -2.19
CA THR B 70 -11.56 41.34 -2.23
C THR B 70 -12.89 40.59 -2.19
N ARG B 71 -13.99 41.34 -2.10
CA ARG B 71 -15.32 40.73 -2.14
C ARG B 71 -15.62 40.18 -3.54
N ASP B 72 -14.94 40.75 -4.54
CA ASP B 72 -15.08 40.34 -5.94
C ASP B 72 -14.38 39.02 -6.25
N ASP B 73 -13.48 38.61 -5.36
CA ASP B 73 -12.77 37.35 -5.49
C ASP B 73 -13.63 36.17 -5.04
N LEU B 74 -14.67 36.46 -4.25
CA LEU B 74 -15.55 35.42 -3.72
C LEU B 74 -16.38 34.78 -4.83
N VAL B 75 -16.69 33.49 -4.66
CA VAL B 75 -17.52 32.77 -5.63
C VAL B 75 -18.88 32.42 -5.00
N ASN B 76 -19.40 31.22 -5.28
CA ASN B 76 -20.79 30.87 -4.95
C ASN B 76 -21.03 30.33 -3.54
N TYR B 77 -19.98 29.84 -2.88
CA TYR B 77 -20.14 29.27 -1.54
C TYR B 77 -18.93 29.58 -0.65
N ASN B 78 -19.13 30.49 0.30
CA ASN B 78 -18.02 31.11 1.03
C ASN B 78 -18.28 31.23 2.53
N PRO B 79 -18.70 30.14 3.19
CA PRO B 79 -19.18 30.20 4.59
C PRO B 79 -18.18 30.82 5.56
N ILE B 80 -16.89 30.61 5.31
CA ILE B 80 -15.83 31.14 6.17
C ILE B 80 -15.17 32.38 5.54
N THR B 81 -14.81 32.30 4.26
CA THR B 81 -14.08 33.38 3.58
C THR B 81 -14.84 34.70 3.53
N GLU B 82 -16.17 34.61 3.50
CA GLU B 82 -17.02 35.81 3.40
C GLU B 82 -16.86 36.75 4.60
N LYS B 83 -16.52 36.19 5.76
CA LYS B 83 -16.44 37.00 6.97
C LYS B 83 -15.03 37.52 7.27
N HIS B 84 -14.06 37.20 6.41
CA HIS B 84 -12.68 37.64 6.62
C HIS B 84 -12.08 38.38 5.41
N VAL B 85 -12.96 38.97 4.60
CA VAL B 85 -12.54 39.80 3.44
C VAL B 85 -11.60 40.97 3.81
N ASP B 86 -11.92 41.68 4.89
CA ASP B 86 -11.12 42.83 5.33
C ASP B 86 -9.73 42.42 5.79
N THR B 87 -9.68 41.43 6.68
CA THR B 87 -8.45 41.01 7.36
C THR B 87 -7.61 40.01 6.55
N GLY B 88 -8.26 39.26 5.66
CA GLY B 88 -7.60 38.19 4.93
C GLY B 88 -7.41 36.96 5.81
N MET B 89 -6.81 35.92 5.26
CA MET B 89 -6.60 34.66 5.98
C MET B 89 -5.21 34.07 5.72
N THR B 90 -4.66 33.40 6.73
CA THR B 90 -3.40 32.66 6.57
C THR B 90 -3.67 31.40 5.76
N LEU B 91 -2.66 30.94 5.03
CA LEU B 91 -2.75 29.69 4.26
C LEU B 91 -3.31 28.51 5.10
N LYS B 92 -2.83 28.40 6.34
CA LYS B 92 -3.31 27.38 7.27
C LYS B 92 -4.82 27.49 7.49
N GLU B 93 -5.30 28.71 7.69
CA GLU B 93 -6.72 28.98 7.92
C GLU B 93 -7.56 28.70 6.68
N LEU B 94 -6.97 29.00 5.51
CA LEU B 94 -7.59 28.70 4.23
C LEU B 94 -7.79 27.21 4.06
N ALA B 95 -6.74 26.44 4.34
CA ALA B 95 -6.77 24.97 4.29
C ALA B 95 -7.84 24.40 5.22
N ASP B 96 -7.94 24.97 6.40
CA ASP B 96 -8.95 24.60 7.38
C ASP B 96 -10.35 24.77 6.79
N ALA B 97 -10.63 25.95 6.23
CA ALA B 97 -11.96 26.26 5.69
C ALA B 97 -12.33 25.41 4.48
N SER B 98 -11.34 25.21 3.61
CA SER B 98 -11.56 24.41 2.41
C SER B 98 -11.90 22.97 2.76
N LEU B 99 -11.18 22.41 3.73
CA LEU B 99 -11.32 21.01 4.06
C LEU B 99 -12.52 20.75 4.96
N ARG B 100 -12.73 21.61 5.96
CA ARG B 100 -13.77 21.34 6.96
C ARG B 100 -15.16 21.81 6.54
N TYR B 101 -15.21 22.86 5.72
CA TYR B 101 -16.48 23.45 5.27
C TYR B 101 -16.70 23.37 3.76
N SER B 102 -15.69 22.88 3.04
CA SER B 102 -15.70 22.89 1.58
C SER B 102 -15.95 24.29 1.01
N ASP B 103 -15.40 25.29 1.69
CA ASP B 103 -15.40 26.67 1.23
C ASP B 103 -14.73 26.74 -0.15
N ASN B 104 -15.47 27.26 -1.13
CA ASN B 104 -15.05 27.29 -2.54
C ASN B 104 -14.00 28.34 -2.85
N THR B 105 -14.12 29.51 -2.22
CA THR B 105 -13.12 30.56 -2.37
C THR B 105 -11.76 30.13 -1.85
N ALA B 106 -11.75 29.48 -0.68
CA ALA B 106 -10.52 29.02 -0.04
C ALA B 106 -9.73 28.07 -0.95
N GLN B 107 -10.43 27.08 -1.52
CA GLN B 107 -9.86 26.18 -2.53
C GLN B 107 -9.23 26.93 -3.71
N ASN B 108 -9.96 27.93 -4.22
CA ASN B 108 -9.49 28.73 -5.35
C ASN B 108 -8.20 29.49 -5.05
N LEU B 109 -8.13 30.09 -3.87
CA LEU B 109 -6.94 30.83 -3.45
C LEU B 109 -5.79 29.87 -3.19
N ILE B 110 -6.07 28.71 -2.56
CA ILE B 110 -5.03 27.69 -2.38
C ILE B 110 -4.53 27.18 -3.75
N LEU B 111 -5.47 26.84 -4.65
CA LEU B 111 -5.12 26.43 -6.01
C LEU B 111 -4.20 27.45 -6.71
N LYS B 112 -4.57 28.72 -6.67
CA LYS B 112 -3.72 29.82 -7.18
C LYS B 112 -2.32 29.82 -6.56
N GLN B 113 -2.24 29.64 -5.25
CA GLN B 113 -0.98 29.65 -4.54
C GLN B 113 0.01 28.62 -5.10
N ILE B 114 -0.50 27.42 -5.37
CA ILE B 114 0.32 26.32 -5.86
C ILE B 114 0.51 26.35 -7.38
N GLY B 115 -0.02 27.39 -8.03
CA GLY B 115 0.22 27.62 -9.45
C GLY B 115 -0.85 27.22 -10.43
N GLY B 116 -2.04 26.84 -9.94
CA GLY B 116 -3.18 26.57 -10.82
C GLY B 116 -3.45 25.11 -11.12
N PRO B 117 -4.59 24.81 -11.78
CA PRO B 117 -4.97 23.42 -12.11
C PRO B 117 -3.86 22.64 -12.83
N GLU B 118 -3.11 23.30 -13.70
CA GLU B 118 -2.04 22.62 -14.45
C GLU B 118 -0.86 22.18 -13.57
N SER B 119 -0.44 23.01 -12.61
CA SER B 119 0.63 22.64 -11.67
C SER B 119 0.18 21.51 -10.74
N LEU B 120 -1.04 21.60 -10.23
CA LEU B 120 -1.63 20.53 -9.45
C LEU B 120 -1.54 19.20 -10.20
N LYS B 121 -2.03 19.17 -11.44
CA LYS B 121 -1.91 17.99 -12.30
C LYS B 121 -0.47 17.50 -12.38
N LYS B 122 0.45 18.42 -12.65
CA LYS B 122 1.87 18.06 -12.79
C LYS B 122 2.43 17.46 -11.49
N GLU B 123 2.08 18.08 -10.36
CA GLU B 123 2.49 17.57 -9.05
C GLU B 123 1.89 16.21 -8.76
N LEU B 124 0.62 16.00 -9.14
CA LEU B 124 0.01 14.68 -9.02
C LEU B 124 0.71 13.63 -9.90
N ARG B 125 1.05 13.99 -11.14
CA ARG B 125 1.78 13.07 -12.03
C ARG B 125 3.12 12.68 -11.43
N LYS B 126 3.78 13.63 -10.74
CA LYS B 126 5.08 13.41 -10.11
C LYS B 126 5.02 12.35 -9.00
N ILE B 127 3.84 12.14 -8.42
CA ILE B 127 3.69 11.17 -7.34
C ILE B 127 3.08 9.86 -7.83
N GLY B 128 2.87 9.75 -9.13
CA GLY B 128 2.42 8.50 -9.75
C GLY B 128 0.92 8.44 -10.02
N ASP B 129 0.22 9.56 -9.79
CA ASP B 129 -1.17 9.72 -10.21
C ASP B 129 -1.21 10.16 -11.69
N GLU B 130 -1.45 9.19 -12.57
CA GLU B 130 -1.56 9.44 -14.00
C GLU B 130 -3.02 9.58 -14.47
N VAL B 131 -3.95 9.70 -13.52
CA VAL B 131 -5.38 9.66 -13.85
C VAL B 131 -6.10 10.98 -13.53
N THR B 132 -5.89 11.48 -12.32
CA THR B 132 -6.56 12.69 -11.85
C THR B 132 -6.31 13.86 -12.80
N ASN B 133 -7.39 14.48 -13.28
CA ASN B 133 -7.32 15.44 -14.39
C ASN B 133 -7.91 16.84 -14.11
N PRO B 134 -7.28 17.61 -13.20
CA PRO B 134 -7.83 18.93 -12.84
C PRO B 134 -7.61 19.98 -13.96
N GLU B 135 -8.68 20.67 -14.35
CA GLU B 135 -8.58 21.71 -15.41
C GLU B 135 -9.16 23.06 -14.96
N ARG B 136 -9.99 23.05 -13.92
CA ARG B 136 -10.78 24.22 -13.55
C ARG B 136 -10.77 24.61 -12.06
N PHE B 137 -11.18 25.86 -11.78
CA PHE B 137 -11.45 26.35 -10.40
C PHE B 137 -12.88 26.03 -9.97
N GLU B 138 -13.23 26.30 -8.69
CA GLU B 138 -14.58 26.11 -8.15
C GLU B 138 -15.42 27.33 -8.51
N PRO B 139 -16.74 27.14 -8.80
CA PRO B 139 -17.53 25.92 -8.80
C PRO B 139 -17.63 25.25 -10.19
N GLU B 140 -16.95 25.83 -11.19
CA GLU B 140 -17.00 25.34 -12.56
C GLU B 140 -16.51 23.89 -12.69
N LEU B 141 -15.47 23.53 -11.94
CA LEU B 141 -14.97 22.14 -11.96
C LEU B 141 -16.04 21.08 -11.65
N ASN B 142 -17.09 21.45 -10.91
CA ASN B 142 -18.11 20.50 -10.45
C ASN B 142 -19.06 20.01 -11.55
N GLU B 143 -19.04 20.68 -12.71
CA GLU B 143 -19.92 20.39 -13.85
C GLU B 143 -19.20 19.63 -14.97
N VAL B 144 -19.42 18.32 -15.01
CA VAL B 144 -18.76 17.46 -16.01
C VAL B 144 -19.84 16.66 -16.75
N ASN B 145 -19.80 16.69 -18.08
CA ASN B 145 -20.71 15.84 -18.89
C ASN B 145 -20.17 14.41 -19.05
N PRO B 146 -21.09 13.43 -19.23
CA PRO B 146 -20.65 12.04 -19.39
C PRO B 146 -19.78 11.90 -20.65
N GLY B 147 -18.75 11.06 -20.56
CA GLY B 147 -17.77 10.94 -21.63
C GLY B 147 -16.49 11.75 -21.44
N GLU B 148 -16.57 12.89 -20.75
CA GLU B 148 -15.42 13.83 -20.62
C GLU B 148 -14.47 13.45 -19.51
N THR B 149 -13.20 13.86 -19.65
CA THR B 149 -12.17 13.55 -18.67
C THR B 149 -11.80 14.75 -17.78
N GLN B 150 -12.18 15.95 -18.17
CA GLN B 150 -11.85 17.15 -17.37
C GLN B 150 -12.41 17.06 -15.95
N ASP B 151 -11.55 17.34 -14.97
CA ASP B 151 -11.93 17.33 -13.55
C ASP B 151 -12.58 16.02 -13.12
N THR B 152 -12.09 14.93 -13.72
CA THR B 152 -12.46 13.58 -13.33
C THR B 152 -11.26 12.85 -12.74
N SER B 153 -11.55 11.78 -12.02
CA SER B 153 -10.52 10.81 -11.62
C SER B 153 -11.22 9.48 -11.44
N THR B 154 -10.53 8.52 -10.84
CA THR B 154 -11.17 7.23 -10.57
C THR B 154 -11.10 6.97 -9.07
N ALA B 155 -11.84 5.97 -8.60
CA ALA B 155 -11.77 5.65 -7.16
C ALA B 155 -10.35 5.19 -6.82
N ARG B 156 -9.77 4.33 -7.65
CA ARG B 156 -8.43 3.86 -7.36
C ARG B 156 -7.43 5.02 -7.22
N ALA B 157 -7.51 5.99 -8.12
CA ALA B 157 -6.49 7.05 -8.19
C ALA B 157 -6.68 8.07 -7.07
N LEU B 158 -7.92 8.37 -6.73
CA LEU B 158 -8.18 9.29 -5.63
C LEU B 158 -7.78 8.67 -4.31
N ALA B 159 -8.09 7.38 -4.09
CA ALA B 159 -7.66 6.73 -2.83
C ALA B 159 -6.13 6.71 -2.71
N THR B 160 -5.46 6.28 -3.77
CA THR B 160 -4.00 6.19 -3.79
C THR B 160 -3.32 7.53 -3.55
N SER B 161 -3.87 8.59 -4.13
CA SER B 161 -3.33 9.92 -3.95
C SER B 161 -3.58 10.46 -2.54
N LEU B 162 -4.76 10.20 -1.98
CA LEU B 162 -5.04 10.54 -0.58
C LEU B 162 -4.04 9.82 0.35
N GLN B 163 -3.86 8.52 0.14
CA GLN B 163 -2.90 7.68 0.88
C GLN B 163 -1.46 8.22 0.79
N ALA B 164 -1.07 8.69 -0.39
CA ALA B 164 0.28 9.19 -0.62
C ALA B 164 0.60 10.37 0.31
N PHE B 165 -0.35 11.29 0.44
CA PHE B 165 -0.16 12.50 1.23
C PHE B 165 -0.38 12.30 2.72
N ALA B 166 -1.41 11.52 3.07
CA ALA B 166 -1.80 11.34 4.47
C ALA B 166 -1.04 10.22 5.19
N LEU B 167 -0.68 9.16 4.47
CA LEU B 167 -0.08 8.00 5.13
C LEU B 167 1.34 7.65 4.72
N GLU B 168 1.72 7.90 3.47
CA GLU B 168 3.06 7.51 2.99
C GLU B 168 4.09 8.61 3.25
N ASP B 169 5.17 8.63 2.45
CA ASP B 169 6.34 9.48 2.71
C ASP B 169 6.40 10.78 1.91
N LYS B 170 5.30 11.14 1.25
CA LYS B 170 5.29 12.35 0.43
C LYS B 170 5.44 13.59 1.30
N LEU B 171 4.91 13.50 2.52
CA LEU B 171 4.93 14.59 3.49
C LEU B 171 5.58 14.13 4.79
N PRO B 172 6.39 15.02 5.41
CA PRO B 172 6.89 14.75 6.75
C PRO B 172 5.75 14.68 7.76
N SER B 173 5.96 13.89 8.82
CA SER B 173 4.92 13.54 9.79
C SER B 173 4.15 14.73 10.39
N GLU B 174 4.85 15.83 10.63
CA GLU B 174 4.20 17.05 11.11
C GLU B 174 3.13 17.54 10.13
N LYS B 175 3.42 17.45 8.84
CA LYS B 175 2.47 17.89 7.81
C LYS B 175 1.37 16.86 7.56
N ARG B 176 1.72 15.57 7.58
CA ARG B 176 0.72 14.52 7.51
C ARG B 176 -0.35 14.70 8.60
N GLU B 177 0.08 15.01 9.81
CA GLU B 177 -0.84 15.18 10.94
C GLU B 177 -1.70 16.43 10.84
N LEU B 178 -1.22 17.45 10.14
CA LEU B 178 -2.04 18.62 9.85
C LEU B 178 -3.21 18.23 8.96
N LEU B 179 -2.89 17.57 7.86
CA LEU B 179 -3.87 17.14 6.87
C LEU B 179 -4.91 16.20 7.49
N ILE B 180 -4.45 15.17 8.19
CA ILE B 180 -5.34 14.21 8.85
C ILE B 180 -6.26 14.90 9.87
N ASP B 181 -5.68 15.76 10.72
CA ASP B 181 -6.46 16.49 11.72
C ASP B 181 -7.60 17.35 11.14
N TRP B 182 -7.31 18.11 10.08
CA TRP B 182 -8.35 18.87 9.38
C TRP B 182 -9.48 17.94 8.86
N MET B 183 -9.10 16.85 8.20
CA MET B 183 -10.06 15.91 7.63
C MET B 183 -10.86 15.15 8.70
N LYS B 184 -10.20 14.80 9.82
CA LYS B 184 -10.90 14.23 10.97
C LYS B 184 -12.02 15.13 11.46
N ARG B 185 -11.79 16.44 11.37
CA ARG B 185 -12.77 17.42 11.87
C ARG B 185 -13.67 18.07 10.80
N ASN B 186 -13.68 17.51 9.59
CA ASN B 186 -14.67 17.87 8.57
C ASN B 186 -16.11 17.93 9.12
N THR B 187 -16.90 18.90 8.67
CA THR B 187 -18.30 19.03 9.13
C THR B 187 -19.32 18.48 8.11
N THR B 188 -18.85 18.15 6.91
CA THR B 188 -19.75 17.96 5.77
C THR B 188 -20.15 16.51 5.50
N GLY B 189 -19.55 15.57 6.23
CA GLY B 189 -19.64 14.16 5.86
C GLY B 189 -20.40 13.20 6.77
N ASP B 190 -21.14 13.76 7.72
CA ASP B 190 -21.86 12.98 8.75
C ASP B 190 -22.76 11.87 8.20
N ALA B 191 -23.33 12.08 7.01
CA ALA B 191 -24.24 11.11 6.43
C ALA B 191 -23.59 10.23 5.35
N LEU B 192 -22.28 10.37 5.15
CA LEU B 192 -21.58 9.57 4.12
C LEU B 192 -20.79 8.38 4.71
N ILE B 193 -19.48 8.32 4.46
CA ILE B 193 -18.62 7.26 5.05
C ILE B 193 -18.77 7.09 6.57
N ARG B 194 -18.76 8.19 7.31
CA ARG B 194 -18.97 8.17 8.76
C ARG B 194 -20.26 7.47 9.19
N ALA B 195 -21.28 7.51 8.35
CA ALA B 195 -22.54 6.83 8.67
C ALA B 195 -22.48 5.34 8.36
N GLY B 196 -21.40 4.93 7.70
CA GLY B 196 -21.24 3.54 7.31
C GLY B 196 -20.14 2.76 7.98
N VAL B 197 -19.50 3.36 9.00
CA VAL B 197 -18.47 2.66 9.76
C VAL B 197 -18.97 2.36 11.16
N PRO B 198 -18.47 1.29 11.81
CA PRO B 198 -18.93 0.95 13.17
C PRO B 198 -18.47 1.96 14.22
N GLU B 199 -19.08 1.90 15.41
CA GLU B 199 -18.68 2.69 16.58
C GLU B 199 -17.18 2.60 16.90
N GLY B 200 -16.59 3.71 17.31
CA GLY B 200 -15.17 3.75 17.68
C GLY B 200 -14.19 3.78 16.51
N TRP B 201 -14.69 3.69 15.27
CA TRP B 201 -13.83 3.87 14.10
C TRP B 201 -13.68 5.36 13.85
N GLU B 202 -12.44 5.81 13.75
CA GLU B 202 -12.15 7.22 13.53
C GLU B 202 -12.12 7.53 12.02
N VAL B 203 -12.75 8.62 11.60
CA VAL B 203 -12.80 8.98 10.18
C VAL B 203 -12.17 10.34 9.83
N ALA B 204 -11.38 10.33 8.76
CA ALA B 204 -10.87 11.55 8.14
C ALA B 204 -11.31 11.58 6.67
N ASP B 205 -12.27 12.44 6.33
CA ASP B 205 -12.87 12.39 5.00
C ASP B 205 -12.91 13.74 4.27
N LYS B 206 -13.09 13.68 2.96
CA LYS B 206 -13.49 14.86 2.17
C LYS B 206 -14.60 14.48 1.20
N THR B 207 -15.74 15.18 1.32
CA THR B 207 -16.92 14.96 0.48
C THR B 207 -16.88 15.68 -0.86
N GLY B 208 -17.74 15.25 -1.78
CA GLY B 208 -17.93 15.96 -3.03
C GLY B 208 -19.38 15.86 -3.48
N ALA B 209 -19.86 16.93 -4.13
CA ALA B 209 -21.18 16.94 -4.80
C ALA B 209 -21.04 17.68 -6.13
N GLY B 210 -21.63 17.13 -7.20
CA GLY B 210 -21.49 17.72 -8.56
C GLY B 210 -22.65 17.42 -9.48
N SER B 211 -22.54 17.80 -10.76
CA SER B 211 -23.61 17.62 -11.75
C SER B 211 -23.83 16.15 -12.08
N TYR B 212 -24.97 15.85 -12.70
CA TYR B 212 -25.38 14.46 -12.95
C TYR B 212 -25.50 13.63 -11.65
N GLY B 213 -25.96 14.28 -10.59
CA GLY B 213 -26.12 13.62 -9.29
C GLY B 213 -24.86 12.97 -8.73
N THR B 214 -23.71 13.59 -8.98
CA THR B 214 -22.44 13.12 -8.45
C THR B 214 -22.38 13.30 -6.94
N ARG B 215 -22.07 12.21 -6.23
CA ARG B 215 -21.92 12.25 -4.77
C ARG B 215 -20.75 11.36 -4.36
N ASN B 216 -19.67 12.00 -3.89
CA ASN B 216 -18.40 11.39 -3.55
C ASN B 216 -17.99 11.57 -2.08
N ASP B 217 -17.22 10.61 -1.57
CA ASP B 217 -16.50 10.76 -0.28
C ASP B 217 -15.21 9.97 -0.36
N ILE B 218 -14.12 10.60 0.03
CA ILE B 218 -12.83 9.91 0.13
C ILE B 218 -12.33 10.02 1.57
N ALA B 219 -11.66 8.98 2.05
CA ALA B 219 -11.34 8.94 3.48
C ALA B 219 -10.19 8.03 3.86
N ILE B 220 -9.55 8.36 4.98
CA ILE B 220 -8.75 7.43 5.77
C ILE B 220 -9.57 7.07 7.00
N ILE B 221 -9.66 5.77 7.30
CA ILE B 221 -10.37 5.31 8.48
C ILE B 221 -9.53 4.40 9.39
N TRP B 222 -9.64 4.63 10.71
CA TRP B 222 -8.99 3.80 11.74
C TRP B 222 -9.99 2.96 12.53
N PRO B 223 -9.86 1.62 12.48
CA PRO B 223 -10.50 0.72 13.43
C PRO B 223 -9.99 1.00 14.84
N PRO B 224 -10.67 0.49 15.87
CA PRO B 224 -10.22 0.70 17.25
C PRO B 224 -8.75 0.32 17.49
N LYS B 225 -8.33 -0.84 16.96
CA LYS B 225 -6.93 -1.25 17.00
C LYS B 225 -6.52 -1.63 15.58
N GLY B 226 -5.33 -1.20 15.17
CA GLY B 226 -4.79 -1.65 13.89
C GLY B 226 -4.58 -0.59 12.83
N ASP B 227 -4.15 -1.03 11.65
CA ASP B 227 -3.76 -0.13 10.57
C ASP B 227 -4.96 0.51 9.87
N PRO B 228 -4.76 1.74 9.36
CA PRO B 228 -5.77 2.51 8.65
C PRO B 228 -6.20 1.90 7.33
N VAL B 229 -7.44 2.18 6.97
CA VAL B 229 -8.02 1.79 5.69
C VAL B 229 -8.17 3.08 4.88
N VAL B 230 -7.79 3.03 3.60
CA VAL B 230 -8.03 4.15 2.67
C VAL B 230 -9.14 3.79 1.69
N LEU B 231 -10.08 4.72 1.50
CA LEU B 231 -11.34 4.44 0.84
C LEU B 231 -11.77 5.60 -0.06
N ALA B 232 -12.11 5.30 -1.31
CA ALA B 232 -12.88 6.25 -2.13
C ALA B 232 -14.21 5.66 -2.53
N VAL B 233 -15.29 6.42 -2.28
CA VAL B 233 -16.64 6.05 -2.74
C VAL B 233 -17.18 7.17 -3.64
N LEU B 234 -17.29 6.85 -4.93
CA LEU B 234 -17.74 7.77 -5.96
C LEU B 234 -19.05 7.31 -6.55
N SER B 235 -19.88 8.26 -7.00
CA SER B 235 -21.17 7.88 -7.57
C SER B 235 -21.66 8.96 -8.52
N SER B 236 -22.45 8.55 -9.51
CA SER B 236 -23.10 9.47 -10.43
C SER B 236 -24.36 8.82 -11.04
N ARG B 237 -25.16 9.63 -11.73
CA ARG B 237 -26.39 9.18 -12.40
C ARG B 237 -26.44 9.70 -13.85
N ASP B 238 -27.48 9.35 -14.60
CA ASP B 238 -27.44 9.65 -16.04
C ASP B 238 -28.09 10.95 -16.53
N LYS B 239 -28.91 11.58 -15.68
CA LYS B 239 -29.54 12.86 -16.04
C LYS B 239 -28.88 14.05 -15.34
N LYS B 240 -28.68 15.14 -16.09
CA LYS B 240 -27.90 16.30 -15.64
C LYS B 240 -28.34 16.88 -14.30
N ASP B 241 -29.65 17.09 -14.13
CA ASP B 241 -30.21 17.71 -12.93
C ASP B 241 -30.59 16.70 -11.85
N ALA B 242 -30.13 15.46 -12.00
CA ALA B 242 -30.50 14.37 -11.08
C ALA B 242 -30.08 14.66 -9.65
N LYS B 243 -30.87 14.15 -8.71
CA LYS B 243 -30.61 14.32 -7.29
C LYS B 243 -29.84 13.13 -6.77
N TYR B 244 -28.93 13.39 -5.84
CA TYR B 244 -28.20 12.31 -5.18
C TYR B 244 -28.87 11.93 -3.84
N ASP B 245 -28.55 10.74 -3.34
CA ASP B 245 -28.95 10.33 -2.00
C ASP B 245 -27.69 9.87 -1.27
N ASP B 246 -27.38 10.55 -0.18
CA ASP B 246 -26.25 10.23 0.70
C ASP B 246 -26.26 8.78 1.16
N LYS B 247 -27.46 8.23 1.36
CA LYS B 247 -27.58 6.87 1.87
C LYS B 247 -26.92 5.83 0.96
N LEU B 248 -26.69 6.18 -0.31
CA LEU B 248 -25.99 5.27 -1.23
C LEU B 248 -24.52 5.11 -0.82
N ILE B 249 -23.90 6.23 -0.43
CA ILE B 249 -22.51 6.25 0.02
C ILE B 249 -22.34 5.49 1.36
N ALA B 250 -23.22 5.78 2.33
CA ALA B 250 -23.20 5.11 3.63
C ALA B 250 -23.35 3.59 3.47
N GLU B 251 -24.26 3.15 2.61
CA GLU B 251 -24.51 1.72 2.42
C GLU B 251 -23.32 1.01 1.79
N ALA B 252 -22.73 1.63 0.76
CA ALA B 252 -21.55 1.11 0.09
C ALA B 252 -20.38 0.94 1.05
N THR B 253 -20.22 1.91 1.95
CA THR B 253 -19.22 1.88 3.01
C THR B 253 -19.42 0.65 3.88
N LYS B 254 -20.64 0.46 4.37
CA LYS B 254 -20.96 -0.70 5.21
C LYS B 254 -20.55 -2.01 4.53
N VAL B 255 -20.82 -2.10 3.23
CA VAL B 255 -20.43 -3.29 2.44
C VAL B 255 -18.90 -3.45 2.40
N VAL B 256 -18.18 -2.32 2.24
CA VAL B 256 -16.72 -2.29 2.26
C VAL B 256 -16.21 -2.78 3.62
N VAL B 257 -16.73 -2.18 4.70
CA VAL B 257 -16.37 -2.53 6.06
C VAL B 257 -16.57 -4.02 6.33
N LYS B 258 -17.68 -4.56 5.85
CA LYS B 258 -18.02 -5.96 6.04
C LYS B 258 -17.07 -6.86 5.26
N ALA B 259 -16.76 -6.47 4.03
CA ALA B 259 -15.96 -7.31 3.16
C ALA B 259 -14.49 -7.31 3.59
N LEU B 260 -14.05 -6.26 4.28
CA LEU B 260 -12.68 -6.24 4.77
C LEU B 260 -12.50 -7.11 6.02
N ASN B 261 -13.59 -7.36 6.73
CA ASN B 261 -13.55 -8.15 7.96
C ASN B 261 -13.18 -9.62 7.74
#